data_6CBJ
#
_entry.id   6CBJ
#
_cell.length_a   128.087
_cell.length_b   128.087
_cell.length_c   91.875
_cell.angle_alpha   90.000
_cell.angle_beta   90.000
_cell.angle_gamma   90.000
#
_symmetry.space_group_name_H-M   'I 41'
#
loop_
_entity.id
_entity.type
_entity.pdbx_description
1 polymer 'DH270.3 Fab heavy chain'
2 polymer 'DH270.3 Fab light chain'
3 branched alpha-D-mannopyranose-(1-2)-alpha-D-mannopyranose-(1-2)-alpha-D-mannopyranose-(1-3)-[alpha-D-mannopyranose-(1-2)-alpha-D-mannopyranose-(1-3)-[alpha-D-mannopyranose-(1-2)-alpha-D-mannopyranose-(1-6)]alpha-D-mannopyranose-(1-6)]beta-D-mannopyranose-(1-4)-2-acetamido-2-deoxy-beta-D-glucopyranose-(1-4)-2-acetamido-2-deoxy-beta-D-glucopyranose
4 non-polymer 'PHOSPHATE ION'
5 water water
#
loop_
_entity_poly.entity_id
_entity_poly.type
_entity_poly.pdbx_seq_one_letter_code
_entity_poly.pdbx_strand_id
1 'polypeptide(L)'
;QVQLVQSGAELKKPGASVKVSCKASGYTLSDYYVHWLRQAPGQGLEWVAWINPTSGRTISPRKFQGRVTMTTDTSMNVAY
MELRGLRSDDTAVYFCARGGWISLYVDYSYYPNFDSWGQGTLVSVSGASTKGPSVFPLAPSSKSTSGGTAALGCLVKDYF
PEPVTVSWNSGALTSGVHTFPAVLQSSGLYSLSSVVTVPSSSLGTQTYICNVNHKPSNTKVDKRVEPKSCDKHHHHHH
;
H
2 'polypeptide(L)'
;QPVLTQPASVSGSPGQSITISCTGSSSDVGSYNLVSWYQQHPGKAPKLMIYEVNKWASGVSDRFAGSKSGNTASLTISRL
QAEDEANYFCSSSTNSATVIFGGGTKLTVLGQPKGAPSVTLFPPSSEELQANKATLVCLISDFYPGAVTVAWKADSSPVK
AGVETTTPSKQSNNKYAASSYLSLTPEQWKSHRSYSCQVTHEGSTVEKTVAPTECS
;
L
#
# COMPACT_ATOMS: atom_id res chain seq x y z
N GLN A 1 -0.84 16.52 14.87
CA GLN A 1 -1.59 15.37 15.35
C GLN A 1 -0.75 14.29 15.96
N VAL A 2 -1.35 13.17 16.31
CA VAL A 2 -0.59 12.04 16.85
C VAL A 2 -0.11 11.32 15.63
N GLN A 3 1.18 11.15 15.48
CA GLN A 3 1.73 10.57 14.27
C GLN A 3 2.91 9.66 14.58
N LEU A 4 2.99 8.56 13.85
CA LEU A 4 4.14 7.67 13.89
C LEU A 4 4.81 7.70 12.52
N VAL A 5 6.10 7.99 12.49
CA VAL A 5 6.83 7.97 11.22
C VAL A 5 7.99 6.96 11.26
N GLN A 6 7.90 5.92 10.44
CA GLN A 6 8.91 4.88 10.41
C GLN A 6 10.05 5.17 9.43
N SER A 7 11.15 4.44 9.58
CA SER A 7 12.33 4.57 8.71
C SER A 7 12.05 4.10 7.28
N GLY A 8 12.93 4.45 6.35
CA GLY A 8 12.76 4.12 4.95
C GLY A 8 12.87 2.64 4.64
N ALA A 9 12.49 2.27 3.43
CA ALA A 9 12.55 0.87 3.00
C ALA A 9 13.98 0.34 3.03
N GLU A 10 14.12 -0.98 2.99
CA GLU A 10 15.44 -1.60 3.05
C GLU A 10 15.53 -2.92 2.30
N LEU A 11 16.69 -3.16 1.70
CA LEU A 11 16.95 -4.42 1.01
C LEU A 11 18.08 -5.13 1.74
N LYS A 12 17.81 -6.34 2.21
CA LYS A 12 18.80 -7.09 2.98
C LYS A 12 18.96 -8.49 2.41
N LYS A 13 20.20 -8.99 2.39
CA LYS A 13 20.45 -10.37 2.02
C LYS A 13 20.14 -11.27 3.21
N PRO A 14 19.70 -12.52 2.93
CA PRO A 14 19.38 -13.49 3.97
C PRO A 14 20.51 -13.66 5.00
N GLY A 15 20.13 -13.88 6.25
CA GLY A 15 21.11 -14.07 7.31
C GLY A 15 21.49 -12.78 7.98
N ALA A 16 21.22 -11.65 7.33
CA ALA A 16 21.56 -10.34 7.86
C ALA A 16 20.51 -9.87 8.87
N SER A 17 20.72 -8.66 9.39
CA SER A 17 19.78 -8.08 10.33
C SER A 17 19.32 -6.70 9.89
N VAL A 18 18.08 -6.35 10.25
CA VAL A 18 17.53 -5.06 9.90
C VAL A 18 17.09 -4.31 11.15
N LYS A 19 17.14 -2.99 11.11
CA LYS A 19 16.69 -2.18 12.24
C LYS A 19 15.74 -1.07 11.79
N VAL A 20 14.49 -1.18 12.21
CA VAL A 20 13.46 -0.21 11.86
C VAL A 20 13.20 0.74 13.03
N SER A 21 13.19 2.04 12.75
CA SER A 21 12.87 3.00 13.78
C SER A 21 11.47 3.54 13.57
N CYS A 22 10.84 3.90 14.67
CA CYS A 22 9.50 4.45 14.67
C CYS A 22 9.56 5.70 15.50
N LYS A 23 9.26 6.83 14.87
CA LYS A 23 9.44 8.13 15.49
C LYS A 23 8.08 8.70 15.85
N ALA A 24 7.85 8.92 17.14
CA ALA A 24 6.58 9.45 17.63
C ALA A 24 6.53 10.98 17.59
N SER A 25 5.35 11.52 17.28
CA SER A 25 5.11 12.95 17.45
C SER A 25 3.65 13.22 17.86
N GLY A 26 3.42 14.31 18.58
CA GLY A 26 2.07 14.64 19.03
C GLY A 26 1.69 13.99 20.34
N TYR A 27 2.61 13.23 20.92
CA TYR A 27 2.41 12.56 22.19
C TYR A 27 3.73 12.00 22.68
N THR A 28 3.78 11.62 23.95
CA THR A 28 5.00 11.09 24.52
C THR A 28 5.02 9.57 24.38
N LEU A 29 6.10 9.04 23.81
CA LEU A 29 6.20 7.61 23.51
C LEU A 29 6.01 6.76 24.76
N SER A 30 6.61 7.19 25.86
CA SER A 30 6.62 6.39 27.08
C SER A 30 5.29 6.38 27.83
N ASP A 31 4.27 7.03 27.27
CA ASP A 31 2.97 7.05 27.90
C ASP A 31 2.07 5.93 27.38
N TYR A 32 2.44 5.33 26.26
CA TYR A 32 1.64 4.26 25.66
C TYR A 32 2.53 3.08 25.30
N TYR A 33 1.95 1.90 25.18
CA TYR A 33 2.70 0.74 24.72
C TYR A 33 3.05 0.91 23.25
N VAL A 34 4.14 0.29 22.81
CA VAL A 34 4.43 0.27 21.38
C VAL A 34 4.30 -1.16 20.87
N HIS A 35 3.44 -1.36 19.89
CA HIS A 35 3.32 -2.68 19.29
C HIS A 35 3.98 -2.72 17.92
N TRP A 36 4.55 -3.86 17.56
CA TRP A 36 5.12 -4.06 16.25
C TRP A 36 4.46 -5.24 15.59
N LEU A 37 3.99 -5.03 14.36
CA LEU A 37 3.46 -6.12 13.56
C LEU A 37 3.91 -6.03 12.11
N ARG A 38 3.63 -7.06 11.34
CA ARG A 38 4.07 -7.08 9.95
C ARG A 38 3.02 -7.72 9.05
N GLN A 39 3.18 -7.54 7.75
CA GLN A 39 2.21 -7.99 6.78
C GLN A 39 2.95 -8.33 5.50
N ALA A 40 3.11 -9.63 5.25
CA ALA A 40 3.65 -10.10 3.98
C ALA A 40 2.73 -9.59 2.90
N PRO A 41 3.31 -9.01 1.82
CA PRO A 41 2.54 -8.31 0.80
C PRO A 41 1.53 -9.24 0.13
N GLY A 42 0.26 -8.86 0.20
CA GLY A 42 -0.81 -9.69 -0.32
C GLY A 42 -1.30 -10.74 0.68
N GLN A 43 -0.69 -10.76 1.86
CA GLN A 43 -1.10 -11.70 2.91
C GLN A 43 -1.76 -10.95 4.07
N GLY A 44 -1.81 -11.58 5.24
CA GLY A 44 -2.46 -10.99 6.39
C GLY A 44 -1.53 -10.38 7.43
N LEU A 45 -2.12 -9.85 8.49
CA LEU A 45 -1.40 -9.22 9.59
C LEU A 45 -0.76 -10.24 10.52
N GLU A 46 0.43 -9.92 11.03
CA GLU A 46 1.07 -10.76 12.02
C GLU A 46 1.71 -9.92 13.13
N TRP A 47 1.12 -9.99 14.32
CA TRP A 47 1.63 -9.31 15.51
C TRP A 47 2.99 -9.88 15.90
N VAL A 48 3.98 -9.00 16.09
CA VAL A 48 5.31 -9.47 16.49
C VAL A 48 5.74 -9.13 17.92
N ALA A 49 5.33 -7.98 18.44
CA ALA A 49 5.75 -7.62 19.80
C ALA A 49 4.99 -6.49 20.45
N TRP A 50 5.02 -6.45 21.78
CA TRP A 50 4.74 -5.19 22.47
C TRP A 50 5.91 -4.82 23.36
N ILE A 51 6.07 -3.52 23.59
CA ILE A 51 7.11 -3.02 24.48
C ILE A 51 6.61 -1.88 25.35
N ASN A 52 7.02 -1.89 26.61
CA ASN A 52 6.87 -0.74 27.51
C ASN A 52 8.13 0.10 27.43
N PRO A 53 8.01 1.32 26.88
CA PRO A 53 9.16 2.21 26.76
C PRO A 53 9.75 2.62 28.11
N THR A 54 8.92 2.73 29.15
CA THR A 54 9.43 3.09 30.49
C THR A 54 10.25 1.97 31.13
N SER A 55 9.73 0.74 31.13
CA SER A 55 10.40 -0.37 31.81
C SER A 55 11.37 -1.14 30.91
N GLY A 56 11.14 -1.09 29.60
CA GLY A 56 11.95 -1.85 28.67
C GLY A 56 11.41 -3.25 28.43
N ARG A 57 10.40 -3.63 29.21
CA ARG A 57 9.80 -4.96 29.12
C ARG A 57 9.18 -5.23 27.75
N THR A 58 9.47 -6.41 27.20
CA THR A 58 8.98 -6.77 25.88
C THR A 58 8.30 -8.12 25.90
N ILE A 59 7.34 -8.31 25.01
CA ILE A 59 6.85 -9.66 24.76
C ILE A 59 6.69 -9.91 23.28
N SER A 60 7.02 -11.13 22.86
CA SER A 60 6.85 -11.57 21.47
C SER A 60 6.39 -13.00 21.47
N PRO A 61 5.74 -13.45 20.38
CA PRO A 61 5.40 -14.86 20.28
C PRO A 61 6.66 -15.73 20.22
N ARG A 62 6.50 -17.03 20.43
CA ARG A 62 7.62 -17.96 20.45
C ARG A 62 8.39 -17.91 19.14
N LYS A 63 7.65 -17.68 18.05
CA LYS A 63 8.20 -17.64 16.71
C LYS A 63 9.33 -16.62 16.52
N PHE A 64 9.26 -15.50 17.24
CA PHE A 64 10.22 -14.40 17.05
C PHE A 64 11.15 -14.20 18.23
N GLN A 65 10.97 -14.98 19.29
CA GLN A 65 11.64 -14.73 20.57
C GLN A 65 13.16 -14.61 20.48
N GLY A 66 13.78 -15.45 19.67
CA GLY A 66 15.23 -15.43 19.53
C GLY A 66 15.75 -14.40 18.56
N ARG A 67 14.90 -14.02 17.59
CA ARG A 67 15.35 -13.16 16.50
C ARG A 67 15.12 -11.67 16.75
N VAL A 68 14.09 -11.35 17.52
CA VAL A 68 13.66 -9.96 17.68
C VAL A 68 14.25 -9.25 18.90
N THR A 69 14.67 -8.00 18.73
CA THR A 69 15.10 -7.15 19.84
C THR A 69 14.45 -5.77 19.79
N MET A 70 13.50 -5.54 20.69
CA MET A 70 12.81 -4.26 20.76
C MET A 70 13.47 -3.33 21.77
N THR A 71 13.72 -2.07 21.37
CA THR A 71 14.28 -1.10 22.30
C THR A 71 13.61 0.25 22.15
N THR A 72 13.92 1.19 23.03
CA THR A 72 13.41 2.56 22.91
C THR A 72 14.47 3.57 23.28
N ASP A 73 14.30 4.77 22.76
CA ASP A 73 15.10 5.92 23.13
C ASP A 73 14.10 7.03 23.38
N THR A 74 13.70 7.17 24.64
CA THR A 74 12.67 8.11 25.03
C THR A 74 13.15 9.56 24.87
N SER A 75 14.46 9.75 24.89
CA SER A 75 15.05 11.08 24.76
C SER A 75 14.77 11.67 23.39
N MET A 76 14.59 10.79 22.40
CA MET A 76 14.30 11.21 21.04
C MET A 76 12.88 10.84 20.63
N ASN A 77 12.14 10.24 21.56
CA ASN A 77 10.77 9.76 21.33
C ASN A 77 10.72 8.69 20.25
N VAL A 78 11.68 7.78 20.27
CA VAL A 78 11.83 6.78 19.20
C VAL A 78 11.74 5.34 19.72
N ALA A 79 11.05 4.48 18.99
CA ALA A 79 11.04 3.05 19.28
C ALA A 79 11.83 2.33 18.20
N TYR A 80 12.54 1.27 18.56
CA TYR A 80 13.36 0.53 17.62
C TYR A 80 13.01 -0.95 17.62
N MET A 81 13.07 -1.55 16.43
CA MET A 81 12.93 -3.00 16.28
C MET A 81 14.11 -3.54 15.49
N GLU A 82 14.83 -4.49 16.06
CA GLU A 82 15.84 -5.19 15.28
C GLU A 82 15.43 -6.63 15.02
N LEU A 83 15.46 -7.02 13.74
CA LEU A 83 15.13 -8.38 13.36
C LEU A 83 16.40 -9.05 12.85
N ARG A 84 16.69 -10.26 13.33
CA ARG A 84 17.90 -10.98 12.96
C ARG A 84 17.61 -12.31 12.28
N GLY A 85 18.65 -12.88 11.68
CA GLY A 85 18.50 -14.13 10.94
C GLY A 85 17.49 -13.97 9.83
N LEU A 86 17.62 -12.90 9.06
CA LEU A 86 16.67 -12.56 8.01
C LEU A 86 16.51 -13.66 6.97
N ARG A 87 15.27 -13.99 6.68
CA ARG A 87 14.93 -15.05 5.73
C ARG A 87 13.88 -14.51 4.76
N SER A 88 13.71 -15.19 3.62
CA SER A 88 12.77 -14.73 2.61
C SER A 88 11.33 -14.66 3.15
N ASP A 89 11.05 -15.43 4.19
CA ASP A 89 9.76 -15.42 4.85
C ASP A 89 9.53 -14.10 5.57
N ASP A 90 10.61 -13.37 5.82
CA ASP A 90 10.55 -12.12 6.57
C ASP A 90 10.22 -10.90 5.72
N THR A 91 10.23 -11.04 4.40
CA THR A 91 9.87 -9.93 3.54
C THR A 91 8.41 -9.53 3.78
N ALA A 92 8.22 -8.35 4.34
CA ALA A 92 6.89 -7.87 4.67
C ALA A 92 6.93 -6.37 4.93
N VAL A 93 5.75 -5.79 5.10
CA VAL A 93 5.65 -4.40 5.52
C VAL A 93 5.56 -4.40 7.04
N TYR A 94 6.43 -3.64 7.69
CA TYR A 94 6.45 -3.59 9.14
C TYR A 94 5.80 -2.32 9.66
N PHE A 95 4.91 -2.48 10.63
CA PHE A 95 4.18 -1.39 11.24
C PHE A 95 4.52 -1.32 12.71
N CYS A 96 4.82 -0.13 13.20
CA CYS A 96 4.69 0.06 14.64
C CYS A 96 3.37 0.78 14.83
N ALA A 97 2.73 0.54 15.96
CA ALA A 97 1.42 1.09 16.25
C ALA A 97 1.39 1.43 17.73
N ARG A 98 0.61 2.44 18.09
CA ARG A 98 0.52 2.85 19.48
C ARG A 98 -0.55 2.02 20.19
N GLY A 99 -0.23 1.54 21.39
CA GLY A 99 -1.14 0.68 22.12
C GLY A 99 -1.92 1.41 23.19
N GLY A 100 -2.09 0.77 24.34
CA GLY A 100 -2.88 1.36 25.41
C GLY A 100 -2.04 2.22 26.32
N TRP A 101 -2.72 3.02 27.13
CA TRP A 101 -2.08 3.88 28.12
C TRP A 101 -1.31 3.05 29.14
N ILE A 102 -0.06 3.42 29.39
CA ILE A 102 0.74 2.74 30.40
C ILE A 102 0.39 3.25 31.79
N SER A 103 -0.08 2.34 32.64
CA SER A 103 -0.63 2.71 33.94
C SER A 103 -0.05 1.83 35.06
N LEU A 104 0.17 2.43 36.23
CA LEU A 104 0.67 1.70 37.39
C LEU A 104 -0.32 0.64 37.87
N TYR A 105 -1.61 0.94 37.73
CA TYR A 105 -2.64 0.16 38.37
C TYR A 105 -3.31 -0.87 37.46
N VAL A 106 -3.24 -0.64 36.15
CA VAL A 106 -3.83 -1.58 35.21
C VAL A 106 -2.81 -1.99 34.16
N ASP A 107 -2.94 -3.21 33.66
CA ASP A 107 -2.05 -3.75 32.64
C ASP A 107 -2.77 -3.74 31.30
N TYR A 108 -2.36 -2.83 30.41
CA TYR A 108 -2.95 -2.73 29.08
C TYR A 108 -2.02 -3.26 28.00
N SER A 109 -0.92 -3.90 28.40
CA SER A 109 0.12 -4.32 27.46
C SER A 109 -0.39 -5.19 26.31
N TYR A 110 -1.28 -6.12 26.61
CA TYR A 110 -1.70 -7.09 25.60
C TYR A 110 -3.03 -6.72 24.96
N TYR A 111 -3.55 -5.55 25.32
CA TYR A 111 -4.75 -5.04 24.70
C TYR A 111 -4.47 -4.75 23.23
N PRO A 112 -5.26 -5.36 22.33
CA PRO A 112 -5.04 -5.19 20.90
C PRO A 112 -5.78 -3.96 20.39
N ASN A 113 -5.53 -2.82 21.00
CA ASN A 113 -6.22 -1.59 20.62
C ASN A 113 -5.25 -0.57 20.03
N PHE A 114 -5.05 -0.65 18.72
CA PHE A 114 -4.08 0.17 18.03
C PHE A 114 -4.79 1.34 17.35
N ASP A 115 -4.74 2.51 17.97
CA ASP A 115 -5.50 3.68 17.50
C ASP A 115 -4.65 4.60 16.64
N SER A 116 -3.38 4.25 16.50
CA SER A 116 -2.47 5.03 15.68
C SER A 116 -1.40 4.13 15.09
N TRP A 117 -1.23 4.19 13.77
CA TRP A 117 -0.27 3.33 13.09
C TRP A 117 0.81 4.13 12.39
N GLY A 118 1.95 3.49 12.16
CA GLY A 118 3.01 4.07 11.34
C GLY A 118 2.72 3.77 9.88
N GLN A 119 3.39 4.48 8.97
CA GLN A 119 3.11 4.36 7.54
C GLN A 119 3.56 3.04 6.95
N GLY A 120 4.43 2.33 7.67
CA GLY A 120 4.93 1.05 7.23
C GLY A 120 6.33 1.12 6.67
N THR A 121 7.04 0.01 6.77
CA THR A 121 8.41 -0.07 6.28
C THR A 121 8.60 -1.39 5.56
N LEU A 122 8.76 -1.33 4.25
CA LEU A 122 8.96 -2.54 3.48
C LEU A 122 10.43 -2.94 3.55
N VAL A 123 10.71 -4.03 4.23
CA VAL A 123 12.04 -4.59 4.18
C VAL A 123 12.01 -5.90 3.38
N SER A 124 12.80 -5.95 2.32
CA SER A 124 12.83 -7.14 1.48
C SER A 124 14.18 -7.85 1.57
N VAL A 125 14.13 -9.18 1.64
CA VAL A 125 15.34 -9.97 1.73
C VAL A 125 15.54 -10.75 0.43
N SER A 126 16.69 -10.60 -0.20
CA SER A 126 16.96 -11.30 -1.45
C SER A 126 18.42 -11.26 -1.84
N GLY A 127 18.81 -12.15 -2.76
CA GLY A 127 20.17 -12.22 -3.22
C GLY A 127 20.45 -11.19 -4.30
N ALA A 128 19.38 -10.74 -4.95
CA ALA A 128 19.50 -9.74 -6.00
C ALA A 128 20.03 -8.44 -5.42
N SER A 129 20.81 -7.72 -6.21
CA SER A 129 21.37 -6.46 -5.76
C SER A 129 20.42 -5.31 -6.06
N THR A 130 20.51 -4.24 -5.26
CA THR A 130 19.66 -3.08 -5.44
C THR A 130 19.95 -2.37 -6.76
N LYS A 131 18.89 -1.86 -7.40
CA LYS A 131 19.05 -1.06 -8.60
C LYS A 131 18.28 0.25 -8.45
N GLY A 132 18.97 1.37 -8.60
CA GLY A 132 18.33 2.67 -8.58
C GLY A 132 17.50 2.84 -9.83
N PRO A 133 16.52 3.76 -9.79
CA PRO A 133 15.64 3.96 -10.94
C PRO A 133 16.17 5.03 -11.89
N SER A 134 15.72 4.99 -13.14
CA SER A 134 15.92 6.09 -14.06
C SER A 134 14.62 6.85 -14.17
N VAL A 135 14.65 8.16 -13.95
CA VAL A 135 13.43 8.97 -13.96
C VAL A 135 13.32 9.85 -15.21
N PHE A 136 12.18 9.77 -15.89
CA PHE A 136 11.96 10.59 -17.08
C PHE A 136 10.68 11.41 -16.99
N PRO A 137 10.69 12.63 -17.54
CA PRO A 137 9.49 13.47 -17.53
C PRO A 137 8.47 12.97 -18.56
N LEU A 138 7.20 13.05 -18.20
CA LEU A 138 6.11 12.80 -19.14
C LEU A 138 5.42 14.14 -19.44
N ALA A 139 5.82 14.74 -20.56
CA ALA A 139 5.36 16.07 -20.94
C ALA A 139 3.84 16.17 -21.08
N PRO A 140 3.25 17.28 -20.60
CA PRO A 140 1.81 17.54 -20.64
C PRO A 140 1.18 17.30 -22.01
N SER A 141 0.21 16.40 -22.07
CA SER A 141 -0.47 16.06 -23.31
C SER A 141 -1.26 17.24 -23.89
N GLY A 148 -10.57 22.70 -18.77
CA GLY A 148 -9.28 23.17 -19.24
C GLY A 148 -8.14 22.57 -18.44
N THR A 149 -8.05 21.25 -18.41
CA THR A 149 -7.01 20.57 -17.67
C THR A 149 -6.18 19.63 -18.56
N ALA A 150 -4.95 19.34 -18.11
CA ALA A 150 -4.06 18.41 -18.78
C ALA A 150 -3.31 17.57 -17.75
N ALA A 151 -2.80 16.43 -18.18
CA ALA A 151 -2.07 15.54 -17.27
C ALA A 151 -0.59 15.44 -17.64
N LEU A 152 0.27 15.80 -16.69
CA LEU A 152 1.71 15.64 -16.89
C LEU A 152 2.18 14.60 -15.88
N GLY A 153 3.35 14.00 -16.09
CA GLY A 153 3.76 12.95 -15.18
C GLY A 153 5.24 12.64 -15.06
N CYS A 154 5.52 11.54 -14.38
CA CYS A 154 6.88 11.04 -14.24
C CYS A 154 6.93 9.54 -14.42
N LEU A 155 7.88 9.09 -15.23
CA LEU A 155 8.09 7.67 -15.46
C LEU A 155 9.31 7.21 -14.69
N VAL A 156 9.09 6.30 -13.74
CA VAL A 156 10.16 5.73 -12.92
C VAL A 156 10.47 4.31 -13.39
N LYS A 157 11.65 4.12 -13.99
CA LYS A 157 11.93 2.88 -14.72
C LYS A 157 13.11 2.07 -14.17
N ASP A 158 12.95 0.76 -14.15
CA ASP A 158 14.02 -0.20 -13.84
C ASP A 158 14.65 -0.01 -12.47
N TYR A 159 13.97 -0.50 -11.44
CA TYR A 159 14.48 -0.38 -10.08
C TYR A 159 14.15 -1.61 -9.23
N PHE A 160 14.93 -1.81 -8.19
CA PHE A 160 14.73 -2.93 -7.28
C PHE A 160 15.38 -2.64 -5.94
N PRO A 161 14.67 -2.93 -4.84
CA PRO A 161 13.31 -3.48 -4.82
C PRO A 161 12.26 -2.39 -4.66
N GLU A 162 11.04 -2.81 -4.37
CA GLU A 162 9.98 -1.87 -4.01
C GLU A 162 10.26 -1.33 -2.60
N PRO A 163 9.72 -0.14 -2.29
CA PRO A 163 8.97 0.73 -3.19
C PRO A 163 9.72 2.01 -3.51
N VAL A 164 9.15 2.80 -4.42
CA VAL A 164 9.59 4.19 -4.61
C VAL A 164 8.48 5.11 -4.13
N THR A 165 8.87 6.28 -3.65
CA THR A 165 7.89 7.27 -3.22
C THR A 165 7.98 8.48 -4.13
N VAL A 166 6.84 8.88 -4.69
CA VAL A 166 6.81 10.02 -5.59
C VAL A 166 5.94 11.14 -5.03
N SER A 167 6.55 12.31 -4.84
CA SER A 167 5.80 13.49 -4.45
C SER A 167 5.87 14.52 -5.58
N TRP A 168 5.26 15.68 -5.38
CA TRP A 168 5.30 16.73 -6.38
C TRP A 168 5.52 18.09 -5.72
N ASN A 169 6.36 18.91 -6.33
CA ASN A 169 6.69 20.22 -5.80
C ASN A 169 7.15 20.17 -4.34
N SER A 170 7.89 19.12 -4.00
CA SER A 170 8.40 18.88 -2.66
C SER A 170 7.28 18.87 -1.61
N GLY A 171 6.13 18.29 -1.98
CA GLY A 171 5.03 18.16 -1.06
C GLY A 171 4.00 19.29 -1.15
N ALA A 172 4.34 20.34 -1.90
CA ALA A 172 3.45 21.48 -2.07
C ALA A 172 2.21 21.13 -2.89
N LEU A 173 2.41 20.29 -3.91
CA LEU A 173 1.30 19.79 -4.72
C LEU A 173 0.79 18.48 -4.12
N THR A 174 -0.51 18.44 -3.80
CA THR A 174 -1.11 17.26 -3.19
C THR A 174 -2.39 16.83 -3.92
N SER A 175 -2.98 17.75 -4.66
CA SER A 175 -4.29 17.52 -5.28
C SER A 175 -4.20 17.09 -6.75
N GLY A 176 -4.88 16.01 -7.08
CA GLY A 176 -4.93 15.52 -8.45
C GLY A 176 -3.81 14.54 -8.79
N VAL A 177 -2.98 14.24 -7.80
CA VAL A 177 -1.87 13.31 -7.98
C VAL A 177 -2.33 11.86 -7.94
N HIS A 178 -1.88 11.08 -8.92
CA HIS A 178 -2.19 9.65 -8.99
C HIS A 178 -0.92 8.85 -9.27
N THR A 179 -0.46 8.10 -8.28
CA THR A 179 0.69 7.22 -8.47
C THR A 179 0.22 5.79 -8.71
N PHE A 180 0.59 5.22 -9.85
CA PHE A 180 0.12 3.90 -10.24
C PHE A 180 1.00 2.82 -9.64
N PRO A 181 0.41 1.64 -9.37
CA PRO A 181 1.19 0.51 -8.84
C PRO A 181 2.27 0.09 -9.84
N ALA A 182 3.41 -0.34 -9.32
CA ALA A 182 4.54 -0.69 -10.18
C ALA A 182 4.32 -1.98 -10.94
N VAL A 183 5.00 -2.11 -12.09
CA VAL A 183 4.94 -3.32 -12.89
C VAL A 183 6.22 -4.14 -12.70
N LEU A 184 6.07 -5.43 -12.51
CA LEU A 184 7.23 -6.31 -12.41
C LEU A 184 7.58 -6.87 -13.77
N GLN A 185 8.63 -6.34 -14.37
CA GLN A 185 9.05 -6.77 -15.70
C GLN A 185 9.75 -8.13 -15.61
N SER A 186 9.81 -8.82 -16.75
CA SER A 186 10.41 -10.15 -16.81
C SER A 186 11.88 -10.14 -16.40
N SER A 187 12.54 -9.01 -16.59
CA SER A 187 13.92 -8.82 -16.17
C SER A 187 14.08 -8.91 -14.65
N GLY A 188 12.97 -8.82 -13.93
CA GLY A 188 12.98 -8.90 -12.48
C GLY A 188 12.99 -7.53 -11.84
N LEU A 189 12.78 -6.50 -12.65
CA LEU A 189 12.84 -5.12 -12.17
C LEU A 189 11.46 -4.48 -12.13
N TYR A 190 11.36 -3.34 -11.46
CA TYR A 190 10.10 -2.62 -11.30
C TYR A 190 10.13 -1.29 -12.04
N SER A 191 8.95 -0.85 -12.49
CA SER A 191 8.79 0.47 -13.09
C SER A 191 7.41 1.00 -12.75
N LEU A 192 7.31 2.27 -12.41
CA LEU A 192 5.98 2.87 -12.23
C LEU A 192 5.87 4.27 -12.80
N SER A 193 4.64 4.79 -12.81
CA SER A 193 4.37 6.13 -13.30
C SER A 193 3.58 6.92 -12.27
N SER A 194 3.68 8.23 -12.33
CA SER A 194 2.93 9.09 -11.41
C SER A 194 2.46 10.33 -12.13
N VAL A 195 1.14 10.50 -12.27
CA VAL A 195 0.60 11.67 -12.98
C VAL A 195 0.02 12.71 -12.05
N VAL A 196 -0.03 13.95 -12.55
CA VAL A 196 -0.74 15.03 -11.92
C VAL A 196 -1.66 15.59 -12.98
N THR A 197 -2.88 15.90 -12.57
CA THR A 197 -3.84 16.55 -13.45
C THR A 197 -3.96 18.01 -13.02
N VAL A 198 -3.41 18.91 -13.84
CA VAL A 198 -3.34 20.33 -13.50
C VAL A 198 -4.10 21.17 -14.53
N PRO A 199 -4.54 22.38 -14.13
CA PRO A 199 -5.19 23.28 -15.10
C PRO A 199 -4.29 23.64 -16.28
N SER A 200 -4.83 23.56 -17.50
CA SER A 200 -4.07 23.82 -18.73
C SER A 200 -3.45 25.22 -18.74
N SER A 201 -4.16 26.17 -18.14
CA SER A 201 -3.70 27.56 -18.04
C SER A 201 -2.38 27.66 -17.28
N SER A 202 -2.25 26.88 -16.21
CA SER A 202 -1.09 26.96 -15.32
C SER A 202 0.21 26.45 -15.95
N LEU A 203 0.11 25.83 -17.12
CA LEU A 203 1.30 25.40 -17.85
C LEU A 203 2.04 26.62 -18.40
N GLY A 204 3.36 26.62 -18.28
CA GLY A 204 4.17 27.72 -18.79
C GLY A 204 4.45 28.81 -17.77
N THR A 205 3.80 28.74 -16.61
CA THR A 205 4.00 29.73 -15.55
C THR A 205 4.17 29.08 -14.17
N GLN A 206 3.49 27.96 -13.95
CA GLN A 206 3.69 27.19 -12.72
C GLN A 206 4.68 26.07 -12.99
N THR A 207 5.67 25.93 -12.10
CA THR A 207 6.73 24.95 -12.31
C THR A 207 6.41 23.64 -11.58
N TYR A 208 6.26 22.57 -12.36
CA TYR A 208 5.94 21.25 -11.81
C TYR A 208 7.18 20.37 -11.72
N ILE A 209 7.41 19.80 -10.55
CA ILE A 209 8.57 18.95 -10.30
C ILE A 209 8.15 17.69 -9.56
N CYS A 210 8.50 16.52 -10.08
CA CYS A 210 8.27 15.29 -9.33
C CYS A 210 9.50 14.96 -8.50
N ASN A 211 9.27 14.65 -7.23
CA ASN A 211 10.35 14.25 -6.34
C ASN A 211 10.29 12.76 -6.11
N VAL A 212 11.20 12.03 -6.75
CA VAL A 212 11.23 10.58 -6.66
C VAL A 212 12.30 10.13 -5.66
N ASN A 213 11.92 9.21 -4.78
CA ASN A 213 12.87 8.68 -3.80
C ASN A 213 12.82 7.16 -3.73
N HIS A 214 13.96 6.53 -4.01
CA HIS A 214 14.13 5.09 -3.84
C HIS A 214 15.14 4.84 -2.74
N LYS A 215 14.63 4.63 -1.53
CA LYS A 215 15.47 4.49 -0.34
C LYS A 215 16.48 3.33 -0.34
N PRO A 216 16.07 2.11 -0.75
CA PRO A 216 17.01 0.99 -0.74
C PRO A 216 18.29 1.26 -1.52
N SER A 217 18.21 2.06 -2.59
CA SER A 217 19.40 2.43 -3.35
C SER A 217 19.83 3.86 -3.01
N ASN A 218 19.16 4.46 -2.04
CA ASN A 218 19.44 5.83 -1.61
C ASN A 218 19.43 6.84 -2.77
N THR A 219 18.53 6.64 -3.72
CA THR A 219 18.43 7.51 -4.90
C THR A 219 17.35 8.58 -4.72
N LYS A 220 17.77 9.84 -4.76
CA LYS A 220 16.84 10.96 -4.65
C LYS A 220 16.93 11.81 -5.92
N VAL A 221 15.88 11.81 -6.73
CA VAL A 221 15.88 12.50 -8.01
C VAL A 221 14.74 13.52 -8.11
N ASP A 222 15.08 14.78 -8.38
CA ASP A 222 14.06 15.79 -8.62
C ASP A 222 13.98 16.09 -10.11
N LYS A 223 12.81 15.92 -10.70
CA LYS A 223 12.66 16.12 -12.13
C LYS A 223 11.68 17.22 -12.47
N ARG A 224 12.16 18.24 -13.18
CA ARG A 224 11.29 19.31 -13.67
C ARG A 224 10.54 18.82 -14.90
N VAL A 225 9.21 18.66 -14.77
CA VAL A 225 8.39 18.32 -15.93
C VAL A 225 7.83 19.59 -16.53
N GLU A 226 8.15 19.83 -17.81
CA GLU A 226 7.72 21.02 -18.50
C GLU A 226 7.16 20.65 -19.87
N PRO A 227 6.27 21.49 -20.42
CA PRO A 227 5.65 21.25 -21.73
C PRO A 227 6.67 20.93 -22.82
N LYS A 228 6.25 20.19 -23.85
CA LYS A 228 7.12 19.85 -24.98
C LYS A 228 7.74 21.10 -25.58
N SER A 229 8.85 20.94 -26.30
CA SER A 229 9.63 22.07 -26.81
C SER A 229 8.88 22.99 -27.79
N CYS A 230 7.54 22.94 -27.76
CA CYS A 230 6.71 23.81 -28.58
C CYS A 230 6.04 24.89 -27.74
N PRO B 2 -1.34 -20.31 18.82
CA PRO B 2 -2.67 -20.36 18.18
C PRO B 2 -2.79 -19.41 16.99
N VAL B 3 -3.92 -19.47 16.29
CA VAL B 3 -4.26 -18.53 15.22
C VAL B 3 -5.79 -18.39 15.22
N LEU B 4 -6.30 -17.18 14.95
CA LEU B 4 -7.75 -16.98 14.83
C LEU B 4 -8.24 -17.34 13.44
N THR B 5 -9.50 -17.79 13.34
CA THR B 5 -10.04 -18.22 12.05
C THR B 5 -11.22 -17.39 11.56
N GLN B 6 -11.06 -16.80 10.37
CA GLN B 6 -12.10 -16.02 9.74
C GLN B 6 -12.47 -16.64 8.40
N PRO B 7 -13.69 -16.34 7.91
CA PRO B 7 -14.01 -16.65 6.51
C PRO B 7 -13.06 -15.89 5.59
N ALA B 8 -12.45 -16.61 4.66
CA ALA B 8 -11.42 -16.04 3.78
C ALA B 8 -11.96 -14.87 2.97
N SER B 9 -13.24 -14.95 2.62
CA SER B 9 -13.89 -13.92 1.84
C SER B 9 -15.38 -13.91 2.16
N VAL B 10 -16.00 -12.76 1.98
CA VAL B 10 -17.42 -12.59 2.30
C VAL B 10 -18.04 -11.64 1.29
N SER B 11 -19.23 -11.97 0.80
CA SER B 11 -19.92 -11.10 -0.15
C SER B 11 -21.23 -10.59 0.44
N GLY B 12 -21.45 -9.28 0.34
CA GLY B 12 -22.67 -8.67 0.82
C GLY B 12 -23.29 -7.82 -0.26
N SER B 13 -24.36 -7.11 0.07
CA SER B 13 -25.02 -6.24 -0.90
C SER B 13 -25.67 -5.07 -0.15
N PRO B 14 -25.68 -3.87 -0.77
CA PRO B 14 -26.04 -2.63 -0.08
C PRO B 14 -27.38 -2.70 0.63
N GLY B 15 -27.49 -2.03 1.77
CA GLY B 15 -28.72 -2.03 2.53
C GLY B 15 -28.78 -3.16 3.56
N GLN B 16 -28.78 -4.40 3.10
CA GLN B 16 -28.87 -5.55 3.99
C GLN B 16 -27.56 -5.78 4.77
N SER B 17 -27.68 -6.40 5.94
CA SER B 17 -26.56 -6.65 6.83
C SER B 17 -25.61 -7.75 6.35
N ILE B 18 -24.45 -7.82 7.01
CA ILE B 18 -23.47 -8.86 6.75
C ILE B 18 -22.73 -9.16 8.06
N THR B 19 -22.25 -10.40 8.23
CA THR B 19 -21.63 -10.79 9.49
C THR B 19 -20.35 -11.59 9.30
N ILE B 20 -19.24 -11.09 9.86
CA ILE B 20 -17.99 -11.82 9.82
C ILE B 20 -17.78 -12.54 11.14
N SER B 21 -17.31 -13.79 11.07
CA SER B 21 -17.02 -14.54 12.30
C SER B 21 -15.53 -14.63 12.57
N CYS B 22 -15.20 -14.84 13.84
CA CYS B 22 -13.82 -15.01 14.25
C CYS B 22 -13.78 -16.07 15.33
N THR B 23 -13.36 -17.28 14.97
CA THR B 23 -13.38 -18.37 15.93
C THR B 23 -12.01 -18.63 16.54
N GLY B 24 -11.92 -18.50 17.85
CA GLY B 24 -10.67 -18.72 18.58
C GLY B 24 -10.81 -19.81 19.61
N SER B 25 -9.92 -19.80 20.60
CA SER B 25 -9.97 -20.77 21.70
C SER B 25 -10.49 -20.11 22.99
N SER B 26 -10.53 -20.89 24.06
CA SER B 26 -10.93 -20.38 25.36
C SER B 26 -9.75 -19.65 25.99
N SER B 27 -8.56 -19.89 25.45
CA SER B 27 -7.34 -19.27 25.96
C SER B 27 -7.04 -17.90 25.34
N ASP B 28 -8.04 -17.33 24.65
CA ASP B 28 -7.88 -16.00 24.05
C ASP B 28 -9.21 -15.24 23.88
N VAL B 29 -10.04 -15.67 22.94
CA VAL B 29 -11.35 -15.06 22.73
C VAL B 29 -12.32 -15.41 23.86
N GLY B 30 -12.12 -16.58 24.46
CA GLY B 30 -13.01 -17.04 25.52
C GLY B 30 -12.67 -16.54 26.92
N SER B 31 -11.46 -16.07 27.12
CA SER B 31 -11.01 -15.68 28.46
C SER B 31 -10.91 -14.18 28.65
N TYR B 32 -11.14 -13.42 27.58
CA TYR B 32 -11.04 -11.98 27.65
C TYR B 32 -12.13 -11.30 26.84
N ASN B 33 -12.57 -10.14 27.32
CA ASN B 33 -13.38 -9.24 26.51
C ASN B 33 -12.45 -8.28 25.77
N LEU B 34 -11.47 -8.84 25.07
CA LEU B 34 -10.45 -8.07 24.40
C LEU B 34 -10.35 -8.47 22.93
N VAL B 35 -11.46 -8.34 22.21
CA VAL B 35 -11.48 -8.60 20.78
C VAL B 35 -11.57 -7.28 20.01
N SER B 36 -10.65 -7.08 19.08
CA SER B 36 -10.65 -5.87 18.25
C SER B 36 -10.81 -6.23 16.78
N TRP B 37 -11.56 -5.38 16.07
CA TRP B 37 -11.76 -5.52 14.64
C TRP B 37 -11.14 -4.33 13.93
N TYR B 38 -10.31 -4.64 12.93
CA TYR B 38 -9.63 -3.67 12.09
C TYR B 38 -10.14 -3.75 10.64
N GLN B 39 -10.16 -2.60 9.98
CA GLN B 39 -10.51 -2.52 8.57
C GLN B 39 -9.32 -2.00 7.77
N GLN B 40 -9.00 -2.66 6.67
CA GLN B 40 -7.88 -2.23 5.84
C GLN B 40 -8.24 -2.07 4.37
N HIS B 41 -7.92 -0.91 3.82
CA HIS B 41 -7.96 -0.67 2.38
C HIS B 41 -6.57 -0.98 1.83
N PRO B 42 -6.47 -1.34 0.54
CA PRO B 42 -5.25 -1.81 -0.12
C PRO B 42 -3.93 -1.17 0.30
N GLY B 43 -3.72 0.10 -0.05
CA GLY B 43 -2.44 0.75 0.19
C GLY B 43 -2.22 1.30 1.58
N LYS B 44 -3.27 1.31 2.40
CA LYS B 44 -3.22 1.96 3.71
C LYS B 44 -2.95 0.98 4.86
N ALA B 45 -2.52 1.54 6.00
CA ALA B 45 -2.42 0.79 7.25
C ALA B 45 -3.83 0.49 7.76
N PRO B 46 -3.96 -0.55 8.61
CA PRO B 46 -5.29 -0.87 9.16
C PRO B 46 -5.86 0.26 10.00
N LYS B 47 -7.18 0.24 10.18
CA LYS B 47 -7.88 1.25 10.95
C LYS B 47 -8.72 0.52 11.98
N LEU B 48 -8.61 0.93 13.24
CA LEU B 48 -9.37 0.30 14.31
C LEU B 48 -10.85 0.62 14.18
N MET B 49 -11.67 -0.42 14.05
CA MET B 49 -13.12 -0.28 13.98
C MET B 49 -13.74 -0.53 15.35
N ILE B 50 -13.65 -1.77 15.81
CA ILE B 50 -14.26 -2.13 17.09
C ILE B 50 -13.15 -2.57 18.04
N TYR B 51 -13.29 -2.27 19.33
CA TYR B 51 -12.31 -2.76 20.29
C TYR B 51 -13.04 -3.16 21.57
N GLU B 52 -12.46 -4.11 22.31
CA GLU B 52 -13.10 -4.65 23.51
C GLU B 52 -14.50 -5.20 23.21
N VAL B 53 -14.56 -6.05 22.19
CA VAL B 53 -15.79 -6.74 21.79
C VAL B 53 -16.84 -5.84 21.16
N ASN B 54 -17.27 -4.80 21.87
CA ASN B 54 -18.43 -4.02 21.42
C ASN B 54 -18.30 -2.49 21.49
N LYS B 55 -17.08 -1.99 21.73
CA LYS B 55 -16.86 -0.55 21.80
C LYS B 55 -16.40 0.04 20.47
N TRP B 56 -16.97 1.19 20.11
CA TRP B 56 -16.63 1.86 18.86
C TRP B 56 -15.38 2.74 19.00
N ALA B 57 -14.51 2.66 18.00
CA ALA B 57 -13.39 3.59 17.90
C ALA B 57 -13.89 4.91 17.31
N SER B 58 -13.02 5.91 17.25
CA SER B 58 -13.42 7.21 16.70
C SER B 58 -13.60 7.11 15.19
N GLY B 59 -14.63 7.78 14.68
CA GLY B 59 -14.89 7.77 13.25
C GLY B 59 -15.56 6.50 12.77
N VAL B 60 -16.30 5.84 13.66
CA VAL B 60 -17.03 4.63 13.30
C VAL B 60 -18.53 4.79 13.56
N SER B 61 -19.34 4.47 12.54
CA SER B 61 -20.80 4.59 12.66
C SER B 61 -21.42 3.39 13.36
N ASP B 62 -22.67 3.57 13.80
CA ASP B 62 -23.39 2.51 14.53
C ASP B 62 -23.67 1.31 13.64
N ARG B 63 -23.44 1.48 12.34
CA ARG B 63 -23.56 0.41 11.37
C ARG B 63 -22.68 -0.80 11.74
N PHE B 64 -21.52 -0.51 12.33
CA PHE B 64 -20.63 -1.55 12.81
C PHE B 64 -20.96 -1.89 14.25
N ALA B 65 -21.07 -3.19 14.54
CA ALA B 65 -21.33 -3.66 15.90
C ALA B 65 -20.58 -4.96 16.16
N GLY B 66 -19.92 -5.04 17.31
CA GLY B 66 -19.24 -6.26 17.68
C GLY B 66 -20.00 -7.06 18.70
N SER B 67 -19.73 -8.37 18.76
CA SER B 67 -20.35 -9.22 19.76
C SER B 67 -19.47 -10.43 20.01
N LYS B 68 -19.73 -11.12 21.12
CA LYS B 68 -18.97 -12.33 21.42
C LYS B 68 -19.88 -13.43 21.98
N SER B 69 -19.66 -14.64 21.50
CA SER B 69 -20.38 -15.81 22.00
C SER B 69 -19.39 -16.96 22.14
N GLY B 70 -19.13 -17.33 23.39
CA GLY B 70 -18.15 -18.38 23.67
C GLY B 70 -16.77 -18.03 23.16
N ASN B 71 -16.26 -18.87 22.27
CA ASN B 71 -14.94 -18.67 21.70
C ASN B 71 -15.02 -18.02 20.31
N THR B 72 -16.16 -17.41 20.01
CA THR B 72 -16.36 -16.80 18.69
C THR B 72 -16.85 -15.36 18.71
N ALA B 73 -16.01 -14.47 18.18
CA ALA B 73 -16.34 -13.06 18.03
C ALA B 73 -17.07 -12.83 16.71
N SER B 74 -17.81 -11.74 16.63
CA SER B 74 -18.68 -11.50 15.49
C SER B 74 -18.76 -10.02 15.17
N LEU B 75 -18.50 -9.69 13.90
CA LEU B 75 -18.56 -8.31 13.44
C LEU B 75 -19.73 -8.14 12.48
N THR B 76 -20.79 -7.50 12.96
CA THR B 76 -22.00 -7.24 12.20
C THR B 76 -21.96 -5.85 11.57
N ILE B 77 -22.27 -5.79 10.28
CA ILE B 77 -22.32 -4.52 9.56
C ILE B 77 -23.71 -4.34 8.97
N SER B 78 -24.36 -3.22 9.29
CA SER B 78 -25.70 -2.93 8.79
C SER B 78 -25.71 -1.72 7.86
N ARG B 79 -26.74 -1.64 7.00
CA ARG B 79 -26.87 -0.55 6.04
C ARG B 79 -25.62 -0.45 5.16
N LEU B 80 -25.20 -1.59 4.62
CA LEU B 80 -24.00 -1.72 3.80
C LEU B 80 -23.79 -0.58 2.79
N GLN B 81 -22.54 -0.19 2.60
CA GLN B 81 -22.19 0.81 1.58
C GLN B 81 -21.03 0.31 0.75
N ALA B 82 -20.77 0.95 -0.38
CA ALA B 82 -19.69 0.53 -1.26
C ALA B 82 -18.30 0.85 -0.68
N GLU B 83 -18.27 1.75 0.29
CA GLU B 83 -17.02 2.15 0.94
C GLU B 83 -16.56 1.13 1.97
N ASP B 84 -17.48 0.26 2.39
CA ASP B 84 -17.19 -0.77 3.38
C ASP B 84 -16.37 -1.92 2.78
N GLU B 85 -16.25 -1.93 1.45
CA GLU B 85 -15.46 -2.92 0.76
C GLU B 85 -14.01 -2.79 1.21
N ALA B 86 -13.57 -3.76 2.01
CA ALA B 86 -12.23 -3.76 2.57
C ALA B 86 -11.89 -5.11 3.17
N ASN B 87 -10.68 -5.26 3.67
CA ASN B 87 -10.31 -6.45 4.41
C ASN B 87 -10.57 -6.25 5.89
N TYR B 88 -11.18 -7.23 6.54
CA TYR B 88 -11.42 -7.09 7.97
C TYR B 88 -10.68 -8.13 8.80
N PHE B 89 -9.96 -7.66 9.81
CA PHE B 89 -9.21 -8.55 10.67
C PHE B 89 -9.83 -8.56 12.06
N CYS B 90 -9.92 -9.74 12.65
CA CYS B 90 -10.23 -9.82 14.07
C CYS B 90 -8.90 -9.97 14.80
N SER B 91 -8.91 -9.71 16.10
CA SER B 91 -7.72 -9.84 16.91
C SER B 91 -8.12 -10.03 18.36
N SER B 92 -7.33 -10.77 19.12
CA SER B 92 -7.61 -10.91 20.54
C SER B 92 -6.33 -10.97 21.36
N SER B 93 -6.46 -10.72 22.66
CA SER B 93 -5.33 -10.95 23.55
C SER B 93 -5.29 -12.44 23.83
N THR B 94 -4.18 -12.93 24.37
CA THR B 94 -4.09 -14.32 24.78
C THR B 94 -3.77 -14.43 26.26
N ASN B 95 -3.66 -15.66 26.77
CA ASN B 95 -3.25 -15.89 28.15
C ASN B 95 -1.74 -15.83 28.28
N SER B 96 -1.06 -15.77 27.13
CA SER B 96 0.40 -15.68 27.08
C SER B 96 0.85 -14.23 27.05
N ALA B 97 -0.10 -13.32 27.27
CA ALA B 97 0.11 -11.88 27.14
C ALA B 97 0.58 -11.49 25.74
N THR B 98 0.03 -12.16 24.74
CA THR B 98 0.34 -11.83 23.36
C THR B 98 -0.94 -11.46 22.62
N VAL B 99 -0.76 -11.01 21.38
CA VAL B 99 -1.90 -10.63 20.56
C VAL B 99 -1.95 -11.54 19.35
N ILE B 100 -3.14 -12.03 19.04
CA ILE B 100 -3.34 -12.97 17.96
C ILE B 100 -4.26 -12.35 16.91
N PHE B 101 -3.99 -12.62 15.63
CA PHE B 101 -4.78 -12.07 14.52
C PHE B 101 -5.47 -13.14 13.69
N GLY B 102 -6.57 -12.78 13.06
CA GLY B 102 -7.25 -13.65 12.13
C GLY B 102 -6.65 -13.49 10.73
N GLY B 103 -6.94 -14.45 9.86
CA GLY B 103 -6.39 -14.42 8.51
C GLY B 103 -6.87 -13.24 7.68
N GLY B 104 -7.97 -12.64 8.09
CA GLY B 104 -8.52 -11.50 7.37
C GLY B 104 -9.68 -11.91 6.47
N THR B 105 -10.69 -11.05 6.40
CA THR B 105 -11.86 -11.32 5.59
C THR B 105 -12.04 -10.25 4.52
N LYS B 106 -11.88 -10.65 3.27
CA LYS B 106 -12.09 -9.73 2.16
C LYS B 106 -13.58 -9.62 1.91
N LEU B 107 -14.17 -8.50 2.30
CA LEU B 107 -15.59 -8.24 2.09
C LEU B 107 -15.78 -7.57 0.73
N THR B 108 -16.85 -7.98 0.03
CA THR B 108 -17.16 -7.47 -1.30
C THR B 108 -18.61 -6.99 -1.34
N VAL B 109 -18.80 -5.68 -1.45
CA VAL B 109 -20.15 -5.13 -1.54
C VAL B 109 -20.66 -5.18 -2.99
N LEU B 110 -21.86 -5.73 -3.17
CA LEU B 110 -22.44 -5.96 -4.48
C LEU B 110 -23.17 -4.73 -5.02
N GLY B 111 -23.71 -4.87 -6.24
CA GLY B 111 -24.51 -3.82 -6.85
C GLY B 111 -23.73 -2.57 -7.16
N GLN B 112 -22.45 -2.75 -7.48
CA GLN B 112 -21.60 -1.64 -7.85
C GLN B 112 -21.75 -1.37 -9.33
N PRO B 113 -22.09 -0.12 -9.70
CA PRO B 113 -22.25 0.27 -11.10
C PRO B 113 -20.93 0.16 -11.86
N LYS B 114 -20.98 -0.34 -13.09
CA LYS B 114 -19.78 -0.44 -13.91
C LYS B 114 -19.22 0.95 -14.21
N GLY B 115 -17.90 1.03 -14.35
CA GLY B 115 -17.25 2.31 -14.61
C GLY B 115 -16.28 2.24 -15.78
N ALA B 116 -16.39 3.20 -16.70
CA ALA B 116 -15.54 3.23 -17.88
C ALA B 116 -14.10 3.61 -17.57
N PRO B 117 -13.14 2.85 -18.11
CA PRO B 117 -11.71 3.08 -17.89
C PRO B 117 -11.21 4.37 -18.54
N SER B 118 -10.56 5.22 -17.75
CA SER B 118 -9.91 6.41 -18.29
C SER B 118 -8.50 6.05 -18.70
N VAL B 119 -8.21 6.21 -19.99
CA VAL B 119 -6.90 5.86 -20.56
C VAL B 119 -6.11 7.12 -20.93
N THR B 120 -4.87 7.19 -20.45
CA THR B 120 -3.97 8.28 -20.82
C THR B 120 -2.66 7.70 -21.35
N LEU B 121 -2.32 8.05 -22.59
CA LEU B 121 -1.14 7.50 -23.25
C LEU B 121 0.01 8.50 -23.36
N PHE B 122 1.21 8.06 -23.00
CA PHE B 122 2.39 8.92 -23.03
C PHE B 122 3.45 8.38 -23.99
N PRO B 123 3.93 9.24 -24.90
CA PRO B 123 5.01 8.93 -25.84
C PRO B 123 6.35 9.01 -25.14
N PRO B 124 7.39 8.36 -25.70
CA PRO B 124 8.72 8.41 -25.10
C PRO B 124 9.21 9.86 -24.98
N SER B 125 9.80 10.20 -23.85
CA SER B 125 10.34 11.54 -23.65
C SER B 125 11.57 11.72 -24.52
N SER B 126 11.93 12.97 -24.79
CA SER B 126 13.14 13.26 -25.57
C SER B 126 14.37 12.74 -24.82
N GLU B 127 14.33 12.87 -23.50
CA GLU B 127 15.43 12.44 -22.64
C GLU B 127 15.67 10.94 -22.72
N GLU B 128 14.60 10.17 -22.60
CA GLU B 128 14.68 8.71 -22.68
C GLU B 128 15.20 8.27 -24.04
N LEU B 129 14.78 8.97 -25.08
CA LEU B 129 15.26 8.73 -26.43
C LEU B 129 16.75 9.01 -26.51
N GLN B 130 17.19 10.04 -25.78
CA GLN B 130 18.62 10.37 -25.71
C GLN B 130 19.39 9.33 -24.90
N ALA B 131 18.66 8.53 -24.12
CA ALA B 131 19.25 7.39 -23.43
C ALA B 131 19.18 6.12 -24.29
N ASN B 132 18.90 6.30 -25.58
CA ASN B 132 18.76 5.22 -26.55
C ASN B 132 17.78 4.11 -26.15
N LYS B 133 16.64 4.50 -25.59
CA LYS B 133 15.55 3.56 -25.34
C LYS B 133 14.22 4.30 -25.39
N ALA B 134 13.15 3.57 -25.70
CA ALA B 134 11.84 4.17 -25.84
C ALA B 134 10.79 3.38 -25.07
N THR B 135 9.92 4.08 -24.35
CA THR B 135 8.87 3.44 -23.59
C THR B 135 7.56 4.21 -23.65
N LEU B 136 6.54 3.55 -24.18
CA LEU B 136 5.19 4.10 -24.22
C LEU B 136 4.47 3.74 -22.93
N VAL B 137 3.80 4.71 -22.32
CA VAL B 137 3.15 4.51 -21.04
C VAL B 137 1.63 4.64 -21.11
N CYS B 138 0.92 3.53 -20.91
CA CYS B 138 -0.53 3.55 -20.95
C CYS B 138 -1.10 3.44 -19.54
N LEU B 139 -1.78 4.49 -19.10
CA LEU B 139 -2.31 4.52 -17.74
C LEU B 139 -3.83 4.43 -17.71
N ILE B 140 -4.33 3.39 -17.04
CA ILE B 140 -5.75 3.11 -16.97
C ILE B 140 -6.27 3.33 -15.55
N SER B 141 -7.40 4.03 -15.41
CA SER B 141 -7.92 4.29 -14.06
C SER B 141 -9.44 4.35 -14.00
N ASP B 142 -9.95 4.40 -12.76
CA ASP B 142 -11.36 4.61 -12.48
C ASP B 142 -12.31 3.63 -13.16
N PHE B 143 -11.92 2.36 -13.24
CA PHE B 143 -12.78 1.35 -13.85
C PHE B 143 -13.27 0.30 -12.84
N TYR B 144 -14.37 -0.36 -13.20
CA TYR B 144 -14.99 -1.37 -12.35
C TYR B 144 -15.97 -2.14 -13.23
N PRO B 145 -15.98 -3.48 -13.13
CA PRO B 145 -15.17 -4.33 -12.24
C PRO B 145 -13.71 -4.39 -12.66
N GLY B 146 -12.88 -4.97 -11.79
CA GLY B 146 -11.46 -5.05 -12.02
C GLY B 146 -11.06 -6.14 -13.00
N ALA B 147 -11.59 -6.04 -14.22
CA ALA B 147 -11.26 -6.96 -15.28
C ALA B 147 -11.06 -6.17 -16.56
N VAL B 148 -9.82 -6.14 -17.04
CA VAL B 148 -9.48 -5.30 -18.19
C VAL B 148 -8.58 -6.06 -19.18
N THR B 149 -8.61 -5.65 -20.44
CA THR B 149 -7.75 -6.24 -21.47
C THR B 149 -7.00 -5.12 -22.18
N VAL B 150 -5.73 -5.35 -22.51
CA VAL B 150 -4.93 -4.34 -23.20
C VAL B 150 -4.37 -4.90 -24.49
N ALA B 151 -4.48 -4.14 -25.57
CA ALA B 151 -3.92 -4.51 -26.85
C ALA B 151 -3.13 -3.34 -27.42
N TRP B 152 -1.82 -3.54 -27.60
CA TRP B 152 -0.97 -2.53 -28.18
C TRP B 152 -0.98 -2.63 -29.70
N LYS B 153 -0.72 -1.51 -30.37
CA LYS B 153 -0.88 -1.42 -31.80
C LYS B 153 0.21 -0.55 -32.43
N ALA B 154 1.03 -1.14 -33.30
CA ALA B 154 1.98 -0.35 -34.07
C ALA B 154 1.34 -0.08 -35.43
N ASP B 155 1.08 1.19 -35.73
CA ASP B 155 0.33 1.57 -36.92
C ASP B 155 -1.05 0.90 -36.93
N SER B 156 -1.10 -0.31 -37.49
CA SER B 156 -2.35 -1.06 -37.55
C SER B 156 -2.15 -2.55 -37.26
N SER B 157 -0.92 -2.93 -36.92
CA SER B 157 -0.62 -4.31 -36.58
C SER B 157 -0.46 -4.48 -35.06
N PRO B 158 -1.12 -5.51 -34.49
CA PRO B 158 -1.06 -5.74 -33.05
C PRO B 158 0.36 -6.02 -32.60
N VAL B 159 0.69 -5.66 -31.35
CA VAL B 159 2.02 -5.90 -30.81
C VAL B 159 1.95 -6.71 -29.52
N LYS B 160 2.84 -7.68 -29.38
CA LYS B 160 2.91 -8.49 -28.16
C LYS B 160 4.34 -8.54 -27.61
N ALA B 161 5.24 -7.79 -28.24
CA ALA B 161 6.66 -7.81 -27.87
C ALA B 161 7.04 -6.63 -26.98
N GLY B 162 7.32 -6.92 -25.70
CA GLY B 162 7.73 -5.92 -24.75
C GLY B 162 6.54 -5.14 -24.22
N VAL B 163 5.56 -5.86 -23.69
CA VAL B 163 4.31 -5.22 -23.25
C VAL B 163 4.26 -4.98 -21.75
N GLU B 164 4.27 -6.05 -20.96
CA GLU B 164 4.21 -5.96 -19.50
C GLU B 164 3.02 -5.16 -18.97
N THR B 165 1.97 -5.86 -18.55
CA THR B 165 0.78 -5.20 -17.99
C THR B 165 0.54 -5.58 -16.53
N THR B 166 0.32 -4.57 -15.68
CA THR B 166 -0.02 -4.81 -14.29
C THR B 166 -1.41 -5.42 -14.19
N THR B 167 -1.66 -6.17 -13.11
CA THR B 167 -3.02 -6.63 -12.84
C THR B 167 -3.75 -5.48 -12.15
N PRO B 168 -5.05 -5.33 -12.43
CA PRO B 168 -5.85 -4.26 -11.85
C PRO B 168 -5.79 -4.28 -10.32
N SER B 169 -5.66 -3.10 -9.70
CA SER B 169 -5.60 -3.01 -8.25
C SER B 169 -6.56 -1.92 -7.77
N LYS B 170 -7.22 -2.16 -6.63
CA LYS B 170 -8.27 -1.25 -6.19
C LYS B 170 -7.73 0.10 -5.73
N GLN B 171 -8.31 1.18 -6.27
CA GLN B 171 -7.96 2.53 -5.86
C GLN B 171 -8.66 2.87 -4.55
N SER B 172 -8.56 4.13 -4.16
CA SER B 172 -9.26 4.63 -2.98
C SER B 172 -10.76 4.57 -3.21
N ASN B 173 -11.21 5.14 -4.32
CA ASN B 173 -12.64 5.23 -4.63
C ASN B 173 -13.30 3.92 -5.03
N ASN B 174 -12.82 2.81 -4.47
CA ASN B 174 -13.34 1.47 -4.77
C ASN B 174 -13.31 1.09 -6.24
N LYS B 175 -12.54 1.84 -7.02
CA LYS B 175 -12.39 1.56 -8.44
C LYS B 175 -11.00 1.02 -8.69
N TYR B 176 -10.76 0.56 -9.91
CA TYR B 176 -9.49 -0.11 -10.22
C TYR B 176 -8.56 0.76 -11.05
N ALA B 177 -7.29 0.38 -11.07
CA ALA B 177 -6.28 1.07 -11.87
C ALA B 177 -5.32 0.03 -12.43
N ALA B 178 -4.78 0.30 -13.62
CA ALA B 178 -3.82 -0.58 -14.24
C ALA B 178 -2.86 0.26 -15.07
N SER B 179 -1.81 -0.37 -15.57
CA SER B 179 -0.89 0.29 -16.50
C SER B 179 -0.17 -0.70 -17.39
N SER B 180 0.08 -0.28 -18.63
CA SER B 180 0.85 -1.09 -19.58
C SER B 180 2.04 -0.26 -20.08
N TYR B 181 3.15 -0.92 -20.36
CA TYR B 181 4.36 -0.21 -20.77
C TYR B 181 4.96 -0.81 -22.05
N LEU B 182 4.66 -0.25 -23.21
CA LEU B 182 5.23 -0.80 -24.44
C LEU B 182 6.69 -0.36 -24.60
N SER B 183 7.61 -1.31 -24.44
CA SER B 183 9.03 -1.00 -24.51
C SER B 183 9.62 -1.31 -25.89
N LEU B 184 10.11 -0.28 -26.57
CA LEU B 184 10.76 -0.45 -27.87
C LEU B 184 12.02 0.40 -28.05
N THR B 185 12.66 0.27 -29.20
CA THR B 185 13.88 1.02 -29.51
C THR B 185 13.51 2.27 -30.28
N PRO B 186 14.31 3.35 -30.15
CA PRO B 186 14.01 4.62 -30.80
C PRO B 186 13.75 4.46 -32.30
N GLU B 187 14.51 3.56 -32.92
CA GLU B 187 14.37 3.24 -34.33
C GLU B 187 12.99 2.64 -34.62
N GLN B 188 12.54 1.73 -33.77
CA GLN B 188 11.20 1.15 -33.88
C GLN B 188 10.12 2.21 -33.67
N TRP B 189 10.36 3.09 -32.69
CA TRP B 189 9.47 4.20 -32.40
C TRP B 189 9.26 5.08 -33.62
N LYS B 190 10.34 5.33 -34.36
CA LYS B 190 10.27 6.22 -35.52
C LYS B 190 9.93 5.51 -36.83
N SER B 191 9.94 4.17 -36.83
CA SER B 191 9.68 3.39 -38.04
C SER B 191 8.18 3.18 -38.30
N HIS B 192 7.35 3.83 -37.50
CA HIS B 192 5.90 3.75 -37.64
C HIS B 192 5.26 5.14 -37.60
N ARG B 193 4.05 5.27 -38.10
CA ARG B 193 3.38 6.56 -38.16
C ARG B 193 2.51 6.85 -36.93
N SER B 194 2.13 5.79 -36.22
CA SER B 194 1.35 5.94 -34.99
C SER B 194 1.36 4.67 -34.14
N TYR B 195 1.28 4.85 -32.83
CA TYR B 195 1.12 3.74 -31.89
C TYR B 195 -0.17 3.94 -31.11
N SER B 196 -0.78 2.85 -30.68
CA SER B 196 -2.10 2.92 -30.06
C SER B 196 -2.26 1.94 -28.91
N CYS B 197 -2.71 2.43 -27.76
CA CYS B 197 -3.03 1.57 -26.64
C CYS B 197 -4.54 1.38 -26.57
N GLN B 198 -5.00 0.13 -26.68
CA GLN B 198 -6.44 -0.14 -26.63
C GLN B 198 -6.83 -0.93 -25.39
N VAL B 199 -7.93 -0.52 -24.77
CA VAL B 199 -8.37 -1.12 -23.51
C VAL B 199 -9.80 -1.64 -23.60
N THR B 200 -9.98 -2.95 -23.47
CA THR B 200 -11.30 -3.55 -23.44
C THR B 200 -11.78 -3.73 -22.00
N HIS B 201 -12.93 -3.16 -21.68
CA HIS B 201 -13.50 -3.30 -20.35
C HIS B 201 -14.97 -3.72 -20.41
N GLU B 202 -15.19 -5.03 -20.46
CA GLU B 202 -16.51 -5.61 -20.64
C GLU B 202 -17.20 -5.11 -21.91
N GLY B 203 -16.91 -5.76 -23.03
CA GLY B 203 -17.51 -5.40 -24.30
C GLY B 203 -16.96 -4.11 -24.89
N SER B 204 -17.19 -3.01 -24.18
CA SER B 204 -16.74 -1.69 -24.62
C SER B 204 -15.23 -1.56 -24.60
N THR B 205 -14.69 -0.79 -25.54
CA THR B 205 -13.25 -0.48 -25.55
C THR B 205 -12.98 1.02 -25.65
N VAL B 206 -11.84 1.44 -25.12
CA VAL B 206 -11.38 2.82 -25.19
C VAL B 206 -9.91 2.80 -25.58
N GLU B 207 -9.54 3.53 -26.63
CA GLU B 207 -8.14 3.53 -27.05
C GLU B 207 -7.57 4.92 -27.28
N LYS B 208 -6.26 5.05 -27.07
CA LYS B 208 -5.56 6.30 -27.30
C LYS B 208 -4.43 6.09 -28.29
N THR B 209 -3.98 7.17 -28.92
CA THR B 209 -2.90 7.08 -29.90
C THR B 209 -1.85 8.16 -29.70
N VAL B 210 -0.63 7.87 -30.16
CA VAL B 210 0.44 8.86 -30.24
C VAL B 210 1.18 8.70 -31.57
N ALA B 211 1.96 9.70 -31.93
CA ALA B 211 2.74 9.68 -33.17
C ALA B 211 4.04 10.45 -33.00
N PRO B 212 5.16 9.88 -33.48
CA PRO B 212 6.48 10.50 -33.35
C PRO B 212 6.62 11.88 -34.00
N THR B 213 5.60 12.29 -34.74
CA THR B 213 5.60 13.62 -35.36
C THR B 213 4.40 14.45 -34.95
#